data_1RJ9
#
_entry.id   1RJ9
#
_cell.length_a   75.040
_cell.length_b   83.680
_cell.length_c   94.020
_cell.angle_alpha   90.00
_cell.angle_beta   90.00
_cell.angle_gamma   90.00
#
_symmetry.space_group_name_H-M   'P 21 21 21'
#
loop_
_entity.id
_entity.type
_entity.pdbx_description
1 polymer 'Signal Recognition Protein'
2 polymer 'Signal recognition particle protein'
3 non-polymer 'MAGNESIUM ION'
4 non-polymer 'PHOSPHOMETHYLPHOSPHONIC ACID GUANYLATE ESTER'
5 water water
#
loop_
_entity_poly.entity_id
_entity_poly.type
_entity_poly.pdbx_seq_one_letter_code
_entity_poly.pdbx_strand_id
1 'polypeptide(L)'
;MGFFDRLKAGLAKTRERLLKAIPWGGNLEEVLEELEMALLAADVGLSATEEILQEVRASGRKDLKEAVKEKLVGMLEPDE
RRATLRKLGFNPQKPKPVEPKGRVVLVVGVNGVGKTTTIAKLGRYYQNLGKKVMFCAGDTFRAAGGTQLSEWGKRLSIPV
IQGPEGTDSAALAYDAVQAMKARGYDLLFVDTAGRLHTKHNLMEELKKVKRAIAKADPEEPKEVWLVLDAVTGQNGLEQA
KKFHEAVGLTGVIVTKLDGTAKGGVLIPIVRTLKVPIKFVGVGEGPDDLQPFDPEAFVEALLED
;
A
2 'polypeptide(L)'
;MFQQLSARLQEAIGRLRGRGRITEEDLKATLREIRRALMDADVNLEVTRDFVERVREEALGKQVLESLTPAEVILATVYE
ALKEALGGEARLPVLKDRNLWFLVGLQGSGKTTTAAKLALYYKGKGRRPLLVAADTQRPAAREQLRLLGEKVGVPVLEVM
DGESPESIRRRVEEKARLEARDLILVDTAGRLQIDEPLMGELARLKEVLGPDEVLLVLDAMTGQEALSVARAFDEKVGVT
GLVLTKLDGDARGGAALSARHVTGKPIYFAGVSEKPEGLEPFYPERLAGRILGMGDVASL
;
B
#
loop_
_chem_comp.id
_chem_comp.type
_chem_comp.name
_chem_comp.formula
GCP non-polymer 'PHOSPHOMETHYLPHOSPHONIC ACID GUANYLATE ESTER' 'C11 H18 N5 O13 P3'
MG non-polymer 'MAGNESIUM ION' 'Mg 2'
#
# COMPACT_ATOMS: atom_id res chain seq x y z
N ASN A 27 -21.04 -30.17 -5.95
CA ASN A 27 -21.71 -29.61 -4.75
C ASN A 27 -20.68 -28.96 -3.82
N LEU A 28 -20.11 -29.76 -2.92
CA LEU A 28 -19.12 -29.26 -1.98
C LEU A 28 -17.82 -28.84 -2.68
N GLU A 29 -17.46 -29.57 -3.73
CA GLU A 29 -16.23 -29.26 -4.47
C GLU A 29 -16.35 -27.93 -5.20
N GLU A 30 -17.57 -27.55 -5.57
CA GLU A 30 -17.77 -26.28 -6.26
C GLU A 30 -17.70 -25.18 -5.22
N VAL A 31 -18.19 -25.49 -4.01
CA VAL A 31 -18.17 -24.54 -2.92
C VAL A 31 -16.73 -24.29 -2.46
N LEU A 32 -15.94 -25.34 -2.39
CA LEU A 32 -14.55 -25.19 -1.97
C LEU A 32 -13.77 -24.42 -3.02
N GLU A 33 -14.12 -24.65 -4.28
CA GLU A 33 -13.46 -23.97 -5.39
C GLU A 33 -13.84 -22.50 -5.35
N GLU A 34 -15.09 -22.22 -5.03
CA GLU A 34 -15.57 -20.85 -4.94
C GLU A 34 -14.86 -20.17 -3.78
N LEU A 35 -14.80 -20.87 -2.66
CA LEU A 35 -14.17 -20.35 -1.46
C LEU A 35 -12.68 -20.04 -1.68
N GLU A 36 -12.00 -20.87 -2.46
CA GLU A 36 -10.59 -20.66 -2.72
C GLU A 36 -10.40 -19.32 -3.44
N MET A 37 -11.24 -19.07 -4.44
CA MET A 37 -11.16 -17.82 -5.20
C MET A 37 -11.45 -16.62 -4.32
N ALA A 38 -12.48 -16.74 -3.48
CA ALA A 38 -12.85 -15.66 -2.59
C ALA A 38 -11.73 -15.30 -1.63
N LEU A 39 -11.05 -16.32 -1.11
CA LEU A 39 -9.94 -16.08 -0.18
C LEU A 39 -8.74 -15.47 -0.90
N LEU A 40 -8.44 -15.98 -2.08
CA LEU A 40 -7.33 -15.46 -2.87
C LEU A 40 -7.59 -14.01 -3.28
N ALA A 41 -8.84 -13.72 -3.65
CA ALA A 41 -9.21 -12.37 -4.06
C ALA A 41 -9.12 -11.39 -2.90
N ALA A 42 -9.23 -11.93 -1.68
CA ALA A 42 -9.16 -11.15 -0.46
C ALA A 42 -7.73 -10.96 0.02
N ASP A 43 -6.77 -11.47 -0.76
CA ASP A 43 -5.35 -11.35 -0.46
C ASP A 43 -4.86 -12.25 0.68
N VAL A 44 -5.56 -13.35 0.91
CA VAL A 44 -5.19 -14.29 1.97
C VAL A 44 -3.92 -15.06 1.61
N GLY A 45 -3.69 -15.26 0.32
CA GLY A 45 -2.50 -15.98 -0.10
C GLY A 45 -2.74 -17.46 -0.29
N LEU A 46 -1.89 -18.10 -1.08
CA LEU A 46 -2.03 -19.52 -1.37
C LEU A 46 -1.80 -20.44 -0.17
N SER A 47 -0.72 -20.19 0.56
CA SER A 47 -0.37 -21.00 1.73
C SER A 47 -1.54 -21.11 2.71
N ALA A 48 -1.95 -19.97 3.24
CA ALA A 48 -3.05 -19.92 4.20
C ALA A 48 -4.38 -20.37 3.62
N THR A 49 -4.65 -20.02 2.37
CA THR A 49 -5.90 -20.42 1.74
C THR A 49 -6.01 -21.94 1.69
N GLU A 50 -4.96 -22.62 1.24
CA GLU A 50 -4.97 -24.06 1.16
C GLU A 50 -5.09 -24.71 2.54
N GLU A 51 -4.42 -24.15 3.54
CA GLU A 51 -4.49 -24.71 4.87
C GLU A 51 -5.91 -24.59 5.45
N ILE A 52 -6.60 -23.50 5.12
CA ILE A 52 -7.95 -23.29 5.59
C ILE A 52 -8.94 -24.25 4.92
N LEU A 53 -8.84 -24.40 3.61
CA LEU A 53 -9.73 -25.28 2.87
C LEU A 53 -9.50 -26.74 3.22
N GLN A 54 -8.24 -27.11 3.46
CA GLN A 54 -7.91 -28.49 3.80
C GLN A 54 -8.56 -28.85 5.13
N GLU A 55 -8.52 -27.92 6.08
CA GLU A 55 -9.09 -28.16 7.40
C GLU A 55 -10.61 -28.20 7.34
N VAL A 56 -11.22 -27.28 6.59
CA VAL A 56 -12.66 -27.25 6.47
C VAL A 56 -13.16 -28.51 5.76
N ARG A 57 -12.43 -28.96 4.75
CA ARG A 57 -12.80 -30.16 4.02
C ARG A 57 -12.76 -31.39 4.93
N ALA A 58 -11.84 -31.38 5.90
CA ALA A 58 -11.67 -32.50 6.81
C ALA A 58 -12.70 -32.49 7.95
N SER A 59 -13.28 -31.33 8.23
CA SER A 59 -14.25 -31.21 9.30
C SER A 59 -15.53 -31.99 9.02
N GLY A 60 -15.77 -32.32 7.77
CA GLY A 60 -16.96 -33.08 7.41
C GLY A 60 -18.22 -32.22 7.48
N ARG A 61 -18.06 -30.97 7.85
CA ARG A 61 -19.18 -30.05 7.95
C ARG A 61 -19.86 -29.91 6.59
N LYS A 62 -21.19 -29.89 6.61
CA LYS A 62 -21.99 -29.78 5.40
C LYS A 62 -21.98 -28.34 4.90
N ASP A 63 -22.27 -27.41 5.79
CA ASP A 63 -22.29 -26.01 5.46
C ASP A 63 -20.91 -25.38 5.59
N LEU A 64 -20.12 -25.46 4.52
CA LEU A 64 -18.80 -24.85 4.54
C LEU A 64 -19.13 -23.37 4.71
N LYS A 65 -18.21 -22.48 4.34
CA LYS A 65 -18.49 -21.05 4.49
C LYS A 65 -18.62 -20.73 5.97
N GLU A 66 -19.60 -21.36 6.63
CA GLU A 66 -19.83 -21.14 8.06
C GLU A 66 -18.68 -21.73 8.87
N ALA A 67 -18.22 -22.91 8.48
CA ALA A 67 -17.10 -23.55 9.17
C ALA A 67 -15.86 -22.71 8.89
N VAL A 68 -15.82 -22.14 7.69
CA VAL A 68 -14.71 -21.29 7.28
C VAL A 68 -14.70 -20.03 8.13
N LYS A 69 -15.87 -19.40 8.25
CA LYS A 69 -16.00 -18.18 9.04
C LYS A 69 -15.55 -18.44 10.46
N GLU A 70 -15.98 -19.58 11.01
CA GLU A 70 -15.61 -19.97 12.36
C GLU A 70 -14.10 -20.14 12.47
N LYS A 71 -13.51 -20.77 11.46
CA LYS A 71 -12.07 -20.99 11.41
C LYS A 71 -11.29 -19.68 11.31
N LEU A 72 -11.72 -18.79 10.41
CA LEU A 72 -11.06 -17.51 10.22
C LEU A 72 -11.19 -16.63 11.47
N VAL A 73 -12.36 -16.63 12.10
CA VAL A 73 -12.57 -15.82 13.31
C VAL A 73 -11.63 -16.37 14.40
N GLY A 74 -10.81 -17.36 14.02
CA GLY A 74 -9.84 -17.96 14.93
C GLY A 74 -8.42 -17.56 14.56
N MET A 75 -8.19 -17.36 13.26
CA MET A 75 -6.88 -16.96 12.74
C MET A 75 -6.77 -15.44 12.79
N LEU A 76 -7.69 -14.81 13.53
CA LEU A 76 -7.71 -13.36 13.68
C LEU A 76 -7.76 -12.99 15.13
N GLU A 77 -7.05 -13.76 15.94
CA GLU A 77 -7.00 -13.50 17.36
C GLU A 77 -6.13 -14.45 18.12
N PRO A 78 -4.92 -14.00 18.45
CA PRO A 78 -4.01 -14.86 19.19
C PRO A 78 -4.25 -14.83 20.71
N ASP A 79 -4.93 -13.82 21.27
CA ASP A 79 -5.14 -13.81 22.76
C ASP A 79 -5.83 -15.10 23.25
N GLU A 80 -6.27 -15.98 22.34
CA GLU A 80 -6.88 -17.28 22.67
C GLU A 80 -8.21 -17.48 23.41
N ARG A 81 -8.27 -17.25 24.72
CA ARG A 81 -9.48 -17.49 25.49
C ARG A 81 -10.86 -17.23 24.92
N ARG A 82 -11.11 -16.06 24.35
CA ARG A 82 -12.46 -15.78 23.80
C ARG A 82 -12.87 -16.79 22.73
N ALA A 83 -11.88 -17.28 21.99
CA ALA A 83 -12.11 -18.25 20.93
C ALA A 83 -12.49 -19.59 21.55
N THR A 84 -11.73 -20.01 22.56
CA THR A 84 -11.97 -21.28 23.25
C THR A 84 -13.37 -21.29 23.87
N LEU A 85 -13.82 -20.15 24.37
CA LEU A 85 -15.13 -20.05 25.00
C LEU A 85 -16.29 -20.38 24.07
N ARG A 86 -16.22 -19.95 22.82
CA ARG A 86 -17.30 -20.23 21.87
C ARG A 86 -17.31 -21.70 21.51
N LYS A 87 -16.16 -22.34 21.63
CA LYS A 87 -16.00 -23.75 21.30
C LYS A 87 -16.62 -24.67 22.36
N LEU A 88 -16.57 -24.24 23.63
CA LEU A 88 -17.10 -25.05 24.71
C LEU A 88 -18.59 -24.85 24.95
N GLY A 89 -19.26 -24.25 23.97
CA GLY A 89 -20.70 -24.02 24.12
C GLY A 89 -21.01 -22.85 25.02
N PHE A 90 -20.08 -21.91 25.14
CA PHE A 90 -20.27 -20.73 25.96
C PHE A 90 -20.49 -19.55 25.01
N ASN A 91 -20.52 -18.34 25.56
CA ASN A 91 -20.71 -17.15 24.75
C ASN A 91 -20.40 -15.86 25.51
N PRO A 92 -19.30 -15.84 26.28
CA PRO A 92 -18.89 -14.67 27.07
C PRO A 92 -18.32 -13.54 26.21
N GLN A 93 -18.87 -12.34 26.37
CA GLN A 93 -18.41 -11.18 25.63
C GLN A 93 -18.31 -9.96 26.53
N LYS A 94 -17.91 -8.83 25.95
CA LYS A 94 -17.76 -7.58 26.69
C LYS A 94 -17.02 -6.57 25.82
N PRO A 95 -16.15 -7.09 24.95
CA PRO A 95 -15.36 -6.27 24.05
C PRO A 95 -14.39 -5.40 24.86
N LYS A 96 -14.93 -4.38 25.53
CA LYS A 96 -14.13 -3.48 26.35
C LYS A 96 -13.15 -2.68 25.50
N PRO A 97 -13.18 -1.35 25.61
CA PRO A 97 -12.27 -0.50 24.85
C PRO A 97 -10.82 -0.98 24.94
N VAL A 98 -10.16 -1.05 23.79
CA VAL A 98 -8.77 -1.48 23.74
C VAL A 98 -7.93 -0.52 24.57
N GLU A 99 -7.06 -1.05 25.43
CA GLU A 99 -6.24 -0.21 26.27
C GLU A 99 -4.76 -0.55 26.20
N PRO A 100 -3.92 0.47 25.96
CA PRO A 100 -2.47 0.27 25.86
C PRO A 100 -1.97 -0.29 27.19
N LYS A 101 -0.99 -1.18 27.11
CA LYS A 101 -0.43 -1.78 28.32
C LYS A 101 0.32 -0.73 29.13
N GLY A 102 0.95 0.22 28.44
CA GLY A 102 1.70 1.26 29.12
C GLY A 102 1.33 2.67 28.67
N ARG A 103 2.23 3.61 28.92
CA ARG A 103 2.01 5.01 28.57
C ARG A 103 2.54 5.42 27.21
N VAL A 104 3.45 4.62 26.64
CA VAL A 104 4.01 4.97 25.35
C VAL A 104 3.69 3.95 24.28
N VAL A 105 3.26 4.45 23.12
CA VAL A 105 2.92 3.61 21.98
C VAL A 105 3.76 4.07 20.80
N LEU A 106 4.61 3.18 20.30
CA LEU A 106 5.47 3.48 19.16
C LEU A 106 4.76 2.95 17.92
N VAL A 107 4.52 3.82 16.96
CA VAL A 107 3.81 3.45 15.74
C VAL A 107 4.80 3.34 14.58
N VAL A 108 4.82 2.16 13.96
CA VAL A 108 5.75 1.92 12.87
C VAL A 108 5.09 1.38 11.60
N GLY A 109 5.81 1.44 10.49
CA GLY A 109 5.26 0.96 9.24
C GLY A 109 5.97 1.52 8.01
N VAL A 110 5.69 0.92 6.86
CA VAL A 110 6.32 1.37 5.63
C VAL A 110 5.67 2.66 5.13
N ASN A 111 6.35 3.31 4.19
CA ASN A 111 5.89 4.56 3.60
C ASN A 111 4.47 4.54 3.02
N GLY A 112 3.65 5.49 3.46
CA GLY A 112 2.29 5.63 2.95
C GLY A 112 1.12 4.84 3.53
N VAL A 113 1.38 3.98 4.50
CA VAL A 113 0.31 3.15 5.06
C VAL A 113 -0.75 3.81 5.93
N GLY A 114 -0.42 4.94 6.56
CA GLY A 114 -1.40 5.63 7.38
C GLY A 114 -1.00 5.85 8.83
N LYS A 115 0.30 5.82 9.11
CA LYS A 115 0.79 6.00 10.48
C LYS A 115 0.34 7.31 11.14
N THR A 116 0.64 8.43 10.50
CA THR A 116 0.31 9.75 11.03
C THR A 116 -1.18 9.99 11.28
N THR A 117 -2.02 9.63 10.30
CA THR A 117 -3.46 9.80 10.45
C THR A 117 -4.05 8.87 11.52
N THR A 118 -3.48 7.66 11.63
CA THR A 118 -3.95 6.70 12.62
C THR A 118 -3.66 7.24 14.02
N ILE A 119 -2.52 7.91 14.19
CA ILE A 119 -2.19 8.48 15.49
C ILE A 119 -3.19 9.57 15.83
N ALA A 120 -3.58 10.38 14.85
CA ALA A 120 -4.57 11.43 15.10
C ALA A 120 -5.86 10.77 15.61
N LYS A 121 -6.28 9.68 14.93
CA LYS A 121 -7.49 8.96 15.31
C LYS A 121 -7.39 8.33 16.70
N LEU A 122 -6.20 7.86 17.06
CA LEU A 122 -6.00 7.26 18.36
C LEU A 122 -6.11 8.34 19.44
N GLY A 123 -5.68 9.55 19.09
CA GLY A 123 -5.76 10.65 20.02
C GLY A 123 -7.22 10.93 20.34
N ARG A 124 -8.03 10.99 19.29
CA ARG A 124 -9.45 11.24 19.42
C ARG A 124 -10.13 10.13 20.23
N TYR A 125 -9.78 8.89 19.91
CA TYR A 125 -10.36 7.74 20.58
C TYR A 125 -10.11 7.74 22.09
N TYR A 126 -8.86 7.98 22.48
CA TYR A 126 -8.52 7.98 23.90
C TYR A 126 -8.89 9.26 24.63
N GLN A 127 -8.94 10.38 23.92
CA GLN A 127 -9.31 11.62 24.60
C GLN A 127 -10.80 11.52 24.94
N ASN A 128 -11.56 10.76 24.14
CA ASN A 128 -12.99 10.56 24.39
C ASN A 128 -13.19 9.67 25.61
N LEU A 129 -12.15 8.94 25.99
CA LEU A 129 -12.21 8.05 27.14
C LEU A 129 -11.66 8.75 28.38
N GLY A 130 -11.44 10.07 28.25
CA GLY A 130 -10.93 10.86 29.36
C GLY A 130 -9.43 10.85 29.57
N LYS A 131 -8.68 10.26 28.64
CA LYS A 131 -7.23 10.21 28.80
C LYS A 131 -6.54 11.48 28.33
N LYS A 132 -5.41 11.80 28.97
CA LYS A 132 -4.62 12.97 28.61
C LYS A 132 -3.58 12.47 27.61
N VAL A 133 -3.75 12.84 26.36
CA VAL A 133 -2.87 12.38 25.29
C VAL A 133 -1.91 13.43 24.73
N MET A 134 -0.73 12.95 24.33
CA MET A 134 0.33 13.79 23.76
C MET A 134 0.87 13.05 22.54
N PHE A 135 1.37 13.79 21.55
CA PHE A 135 1.94 13.15 20.36
C PHE A 135 3.39 13.56 20.19
N CYS A 136 4.19 12.68 19.56
CA CYS A 136 5.57 13.01 19.26
C CYS A 136 5.69 12.90 17.74
N ALA A 137 5.95 14.02 17.08
CA ALA A 137 6.08 14.01 15.63
C ALA A 137 7.46 13.46 15.26
N GLY A 138 7.60 12.15 15.41
CA GLY A 138 8.84 11.46 15.14
C GLY A 138 9.35 11.45 13.71
N ASP A 139 8.49 11.77 12.75
CA ASP A 139 8.93 11.81 11.36
C ASP A 139 9.60 13.16 11.14
N THR A 140 10.93 13.18 11.28
CA THR A 140 11.70 14.39 11.08
C THR A 140 12.44 14.28 9.75
N PHE A 141 12.10 13.25 8.99
CA PHE A 141 12.74 12.98 7.70
C PHE A 141 12.00 13.50 6.46
N ARG A 142 10.72 13.18 6.35
CA ARG A 142 9.94 13.58 5.18
C ARG A 142 9.37 15.00 5.22
N ALA A 143 9.24 15.61 4.05
CA ALA A 143 8.71 16.97 3.95
C ALA A 143 7.35 17.06 4.62
N ALA A 144 7.21 18.01 5.54
CA ALA A 144 5.95 18.24 6.26
C ALA A 144 5.52 17.05 7.11
N GLY A 145 6.44 16.11 7.31
CA GLY A 145 6.13 14.93 8.11
C GLY A 145 5.74 15.25 9.53
N GLY A 146 6.30 16.33 10.08
CA GLY A 146 5.99 16.72 11.44
C GLY A 146 4.88 17.74 11.52
N THR A 147 4.87 18.67 10.57
CA THR A 147 3.84 19.71 10.55
C THR A 147 2.47 19.08 10.34
N GLN A 148 2.42 17.98 9.60
CA GLN A 148 1.17 17.28 9.34
C GLN A 148 0.56 16.79 10.66
N LEU A 149 1.41 16.25 11.53
CA LEU A 149 0.93 15.76 12.81
C LEU A 149 0.58 16.92 13.73
N SER A 150 1.38 17.99 13.66
CA SER A 150 1.15 19.18 14.47
C SER A 150 -0.23 19.76 14.19
N GLU A 151 -0.63 19.74 12.92
CA GLU A 151 -1.93 20.26 12.53
C GLU A 151 -3.06 19.40 13.13
N TRP A 152 -2.85 18.09 13.16
CA TRP A 152 -3.86 17.21 13.75
C TRP A 152 -3.96 17.48 15.26
N GLY A 153 -2.81 17.69 15.88
CA GLY A 153 -2.81 17.97 17.30
C GLY A 153 -3.59 19.23 17.58
N LYS A 154 -3.41 20.25 16.73
CA LYS A 154 -4.11 21.51 16.90
C LYS A 154 -5.62 21.29 16.78
N ARG A 155 -6.03 20.48 15.80
CA ARG A 155 -7.44 20.21 15.60
C ARG A 155 -8.03 19.45 16.79
N LEU A 156 -7.23 18.60 17.41
CA LEU A 156 -7.68 17.80 18.53
C LEU A 156 -7.30 18.36 19.91
N SER A 157 -6.66 19.53 19.93
CA SER A 157 -6.23 20.12 21.19
C SER A 157 -5.34 19.13 21.94
N ILE A 158 -4.41 18.52 21.20
CA ILE A 158 -3.46 17.56 21.77
C ILE A 158 -2.07 18.13 21.53
N PRO A 159 -1.24 18.21 22.58
CA PRO A 159 0.13 18.73 22.48
C PRO A 159 0.95 17.86 21.55
N VAL A 160 1.79 18.47 20.73
CA VAL A 160 2.64 17.72 19.82
C VAL A 160 4.08 18.18 19.92
N ILE A 161 4.96 17.25 20.29
CA ILE A 161 6.38 17.56 20.41
C ILE A 161 7.01 17.35 19.05
N GLN A 162 7.53 18.42 18.46
CA GLN A 162 8.14 18.33 17.13
C GLN A 162 9.39 19.18 17.00
N GLY A 163 10.18 18.89 15.98
CA GLY A 163 11.39 19.66 15.76
C GLY A 163 11.61 19.95 14.30
N PRO A 164 12.64 20.76 13.97
CA PRO A 164 12.90 21.09 12.57
C PRO A 164 13.20 19.80 11.80
N GLU A 165 12.87 19.76 10.51
CA GLU A 165 13.17 18.57 9.73
C GLU A 165 14.67 18.34 9.80
N GLY A 166 15.06 17.09 10.06
CA GLY A 166 16.47 16.77 10.18
C GLY A 166 16.84 16.48 11.63
N THR A 167 15.97 16.85 12.56
CA THR A 167 16.23 16.61 13.98
C THR A 167 16.33 15.10 14.20
N ASP A 168 17.15 14.69 15.16
CA ASP A 168 17.31 13.27 15.47
C ASP A 168 16.02 12.73 16.10
N SER A 169 15.38 11.77 15.42
CA SER A 169 14.12 11.18 15.89
C SER A 169 14.20 10.62 17.31
N ALA A 170 15.32 9.98 17.62
CA ALA A 170 15.53 9.38 18.94
C ALA A 170 15.55 10.45 20.03
N ALA A 171 16.29 11.52 19.78
CA ALA A 171 16.38 12.62 20.75
C ALA A 171 15.01 13.24 20.94
N LEU A 172 14.24 13.35 19.86
CA LEU A 172 12.91 13.93 19.95
C LEU A 172 12.00 13.05 20.80
N ALA A 173 12.07 11.74 20.56
CA ALA A 173 11.25 10.78 21.31
C ALA A 173 11.61 10.86 22.79
N TYR A 174 12.90 10.93 23.09
CA TYR A 174 13.38 11.02 24.47
C TYR A 174 12.76 12.25 25.14
N ASP A 175 12.82 13.38 24.44
CA ASP A 175 12.26 14.63 24.94
C ASP A 175 10.76 14.51 25.14
N ALA A 176 10.11 13.80 24.23
CA ALA A 176 8.66 13.60 24.30
C ALA A 176 8.24 12.80 25.53
N VAL A 177 9.00 11.76 25.82
CA VAL A 177 8.71 10.92 26.98
C VAL A 177 8.93 11.72 28.26
N GLN A 178 10.01 12.52 28.29
CA GLN A 178 10.30 13.34 29.46
C GLN A 178 9.19 14.36 29.70
N ALA A 179 8.71 14.98 28.63
CA ALA A 179 7.64 15.96 28.73
C ALA A 179 6.36 15.29 29.22
N MET A 180 6.07 14.10 28.72
CA MET A 180 4.88 13.36 29.11
C MET A 180 4.90 13.05 30.61
N LYS A 181 6.06 12.64 31.11
CA LYS A 181 6.18 12.32 32.53
C LYS A 181 6.07 13.58 33.39
N ALA A 182 6.77 14.63 33.00
CA ALA A 182 6.74 15.87 33.75
C ALA A 182 5.32 16.47 33.84
N ARG A 183 4.55 16.33 32.77
CA ARG A 183 3.21 16.91 32.72
C ARG A 183 2.09 15.99 33.21
N GLY A 184 2.41 14.73 33.51
CA GLY A 184 1.40 13.82 33.99
C GLY A 184 0.41 13.31 32.95
N TYR A 185 0.85 13.20 31.70
CA TYR A 185 -0.01 12.71 30.64
C TYR A 185 -0.16 11.20 30.74
N ASP A 186 -1.30 10.69 30.28
CA ASP A 186 -1.59 9.26 30.35
C ASP A 186 -0.99 8.47 29.20
N LEU A 187 -1.03 9.04 28.01
CA LEU A 187 -0.53 8.36 26.82
C LEU A 187 0.26 9.26 25.88
N LEU A 188 1.28 8.66 25.24
CA LEU A 188 2.11 9.36 24.27
C LEU A 188 2.23 8.45 23.05
N PHE A 189 1.84 8.97 21.88
CA PHE A 189 1.93 8.20 20.65
C PHE A 189 3.09 8.76 19.84
N VAL A 190 4.06 7.88 19.56
CA VAL A 190 5.25 8.27 18.82
C VAL A 190 5.15 7.90 17.35
N ASP A 191 5.08 8.92 16.50
CA ASP A 191 5.00 8.75 15.06
C ASP A 191 6.42 8.49 14.58
N THR A 192 6.56 7.77 13.47
CA THR A 192 7.88 7.51 12.91
C THR A 192 7.81 7.75 11.41
N ALA A 193 8.93 8.07 10.80
CA ALA A 193 8.94 8.29 9.36
C ALA A 193 8.66 6.96 8.68
N GLY A 194 8.11 7.01 7.48
CA GLY A 194 7.86 5.77 6.76
C GLY A 194 9.22 5.24 6.36
N ARG A 195 9.35 3.92 6.26
CA ARG A 195 10.61 3.31 5.88
C ARG A 195 10.33 1.93 5.30
N LEU A 196 11.07 1.53 4.29
CA LEU A 196 10.85 0.20 3.75
C LEU A 196 11.59 -0.76 4.68
N HIS A 197 10.98 -1.92 4.91
CA HIS A 197 11.53 -2.94 5.78
C HIS A 197 12.83 -3.56 5.26
N THR A 198 13.18 -3.26 4.02
CA THR A 198 14.39 -3.81 3.40
C THR A 198 15.63 -2.94 3.60
N LYS A 199 15.50 -1.86 4.36
CA LYS A 199 16.63 -0.97 4.59
C LYS A 199 17.14 -1.12 6.02
N HIS A 200 18.20 -1.90 6.19
CA HIS A 200 18.79 -2.16 7.49
C HIS A 200 19.12 -0.92 8.32
N ASN A 201 19.61 0.13 7.66
CA ASN A 201 19.97 1.35 8.37
C ASN A 201 18.76 2.07 8.96
N LEU A 202 17.67 2.13 8.21
CA LEU A 202 16.46 2.79 8.69
C LEU A 202 15.79 1.95 9.77
N MET A 203 15.97 0.64 9.70
CA MET A 203 15.37 -0.26 10.68
C MET A 203 16.16 -0.13 11.97
N GLU A 204 17.46 0.13 11.85
CA GLU A 204 18.32 0.31 13.02
C GLU A 204 17.89 1.61 13.69
N GLU A 205 17.60 2.63 12.89
CA GLU A 205 17.17 3.92 13.43
C GLU A 205 15.92 3.72 14.28
N LEU A 206 15.03 2.85 13.81
CA LEU A 206 13.81 2.56 14.53
C LEU A 206 14.15 1.98 15.90
N LYS A 207 15.12 1.08 15.94
CA LYS A 207 15.53 0.46 17.19
C LYS A 207 16.16 1.51 18.12
N LYS A 208 16.81 2.51 17.53
CA LYS A 208 17.43 3.58 18.30
C LYS A 208 16.33 4.42 18.96
N VAL A 209 15.24 4.63 18.23
CA VAL A 209 14.11 5.40 18.74
C VAL A 209 13.52 4.66 19.94
N LYS A 210 13.38 3.35 19.82
CA LYS A 210 12.82 2.56 20.90
C LYS A 210 13.74 2.63 22.13
N ARG A 211 15.06 2.60 21.88
CA ARG A 211 16.04 2.68 22.97
C ARG A 211 16.00 4.05 23.65
N ALA A 212 15.74 5.10 22.90
CA ALA A 212 15.68 6.45 23.46
C ALA A 212 14.47 6.54 24.39
N ILE A 213 13.37 5.93 23.98
CA ILE A 213 12.16 5.93 24.78
C ILE A 213 12.45 5.25 26.12
N ALA A 214 13.09 4.09 26.07
CA ALA A 214 13.41 3.33 27.28
C ALA A 214 14.41 4.09 28.17
N LYS A 215 15.20 4.97 27.55
CA LYS A 215 16.18 5.74 28.30
C LYS A 215 15.46 6.75 29.20
N ALA A 216 14.36 7.31 28.69
CA ALA A 216 13.58 8.28 29.44
C ALA A 216 12.64 7.59 30.43
N ASP A 217 12.32 6.32 30.16
CA ASP A 217 11.44 5.53 31.02
C ASP A 217 11.71 4.06 30.70
N PRO A 218 12.51 3.40 31.57
CA PRO A 218 12.92 1.98 31.47
C PRO A 218 11.83 0.96 31.14
N GLU A 219 10.60 1.25 31.53
CA GLU A 219 9.53 0.30 31.27
C GLU A 219 8.78 0.56 29.96
N GLU A 220 9.28 1.49 29.14
CA GLU A 220 8.58 1.79 27.89
C GLU A 220 9.46 1.53 26.65
N PRO A 221 8.83 1.38 25.46
CA PRO A 221 7.38 1.44 25.24
C PRO A 221 6.70 0.09 25.41
N LYS A 222 5.56 0.10 26.08
CA LYS A 222 4.80 -1.11 26.31
C LYS A 222 4.04 -1.57 25.05
N GLU A 223 3.82 -0.66 24.11
CA GLU A 223 3.13 -1.02 22.87
C GLU A 223 3.92 -0.56 21.65
N VAL A 224 4.04 -1.44 20.66
CA VAL A 224 4.72 -1.12 19.42
C VAL A 224 3.72 -1.64 18.40
N TRP A 225 3.04 -0.72 17.73
CA TRP A 225 2.01 -1.10 16.78
C TRP A 225 2.37 -0.83 15.33
N LEU A 226 2.21 -1.87 14.52
CA LEU A 226 2.48 -1.79 13.10
C LEU A 226 1.22 -1.31 12.40
N VAL A 227 1.39 -0.48 11.37
CA VAL A 227 0.27 -0.01 10.59
C VAL A 227 0.40 -0.67 9.22
N LEU A 228 -0.68 -1.28 8.75
CA LEU A 228 -0.70 -1.94 7.45
C LEU A 228 -1.84 -1.40 6.60
N ASP A 229 -1.57 -1.20 5.32
CA ASP A 229 -2.56 -0.70 4.37
C ASP A 229 -3.35 -1.92 3.87
N ALA A 230 -4.66 -1.90 4.05
CA ALA A 230 -5.51 -3.01 3.62
C ALA A 230 -5.31 -3.43 2.16
N VAL A 231 -4.89 -2.51 1.31
CA VAL A 231 -4.72 -2.81 -0.11
C VAL A 231 -3.46 -3.61 -0.40
N THR A 232 -2.59 -3.72 0.59
CA THR A 232 -1.33 -4.44 0.46
C THR A 232 -1.49 -5.93 0.19
N GLY A 233 -0.68 -6.45 -0.72
CA GLY A 233 -0.73 -7.85 -1.04
C GLY A 233 0.14 -8.68 -0.11
N GLN A 234 0.72 -9.75 -0.64
CA GLN A 234 1.56 -10.65 0.15
C GLN A 234 2.80 -10.02 0.78
N ASN A 235 3.21 -8.85 0.30
CA ASN A 235 4.37 -8.21 0.89
C ASN A 235 4.06 -7.78 2.32
N GLY A 236 2.78 -7.73 2.66
CA GLY A 236 2.39 -7.34 4.01
C GLY A 236 2.95 -8.29 5.05
N LEU A 237 3.06 -9.57 4.69
CA LEU A 237 3.60 -10.56 5.62
C LEU A 237 5.08 -10.28 5.87
N GLU A 238 5.80 -9.90 4.83
CA GLU A 238 7.23 -9.62 4.96
C GLU A 238 7.42 -8.37 5.84
N GLN A 239 6.58 -7.37 5.62
CA GLN A 239 6.66 -6.13 6.41
C GLN A 239 6.48 -6.49 7.89
N ALA A 240 5.42 -7.21 8.20
CA ALA A 240 5.14 -7.60 9.58
C ALA A 240 6.32 -8.38 10.19
N LYS A 241 6.87 -9.33 9.44
CA LYS A 241 8.00 -10.13 9.93
C LYS A 241 9.22 -9.28 10.25
N LYS A 242 9.58 -8.40 9.32
CA LYS A 242 10.75 -7.54 9.51
C LYS A 242 10.62 -6.52 10.64
N PHE A 243 9.45 -5.89 10.76
CA PHE A 243 9.27 -4.92 11.83
C PHE A 243 9.21 -5.65 13.18
N HIS A 244 8.62 -6.83 13.18
CA HIS A 244 8.53 -7.61 14.40
C HIS A 244 9.92 -8.02 14.86
N GLU A 245 10.75 -8.41 13.90
CA GLU A 245 12.12 -8.82 14.21
C GLU A 245 12.95 -7.64 14.69
N ALA A 246 12.63 -6.45 14.17
CA ALA A 246 13.36 -5.25 14.54
C ALA A 246 12.96 -4.61 15.87
N VAL A 247 11.67 -4.50 16.14
CA VAL A 247 11.22 -3.86 17.37
C VAL A 247 10.21 -4.60 18.26
N GLY A 248 9.84 -5.82 17.89
CA GLY A 248 8.90 -6.58 18.70
C GLY A 248 7.51 -5.99 18.77
N LEU A 249 6.68 -6.31 17.77
CA LEU A 249 5.32 -5.79 17.70
C LEU A 249 4.41 -6.37 18.78
N THR A 250 3.49 -5.55 19.27
CA THR A 250 2.52 -5.97 20.27
C THR A 250 1.12 -5.79 19.69
N GLY A 251 1.04 -5.29 18.46
CA GLY A 251 -0.25 -5.10 17.84
C GLY A 251 -0.16 -4.56 16.43
N VAL A 252 -1.26 -4.67 15.69
CA VAL A 252 -1.31 -4.17 14.33
C VAL A 252 -2.63 -3.45 14.07
N ILE A 253 -2.57 -2.41 13.26
CA ILE A 253 -3.75 -1.64 12.89
C ILE A 253 -3.82 -1.71 11.37
N VAL A 254 -4.99 -2.03 10.84
CA VAL A 254 -5.15 -2.11 9.40
C VAL A 254 -5.98 -0.92 8.96
N THR A 255 -5.43 -0.15 8.04
CA THR A 255 -6.10 1.05 7.56
C THR A 255 -6.74 0.88 6.19
N LYS A 256 -7.51 1.88 5.81
CA LYS A 256 -8.17 1.93 4.50
C LYS A 256 -9.12 0.77 4.21
N LEU A 257 -9.74 0.23 5.25
CA LEU A 257 -10.69 -0.85 5.08
C LEU A 257 -12.03 -0.30 4.57
N ASP A 258 -12.11 1.02 4.39
CA ASP A 258 -13.32 1.62 3.86
C ASP A 258 -13.30 1.43 2.35
N GLY A 259 -12.17 0.96 1.83
CA GLY A 259 -12.03 0.71 0.40
C GLY A 259 -12.48 -0.69 0.07
N THR A 260 -12.17 -1.17 -1.14
CA THR A 260 -12.58 -2.51 -1.55
C THR A 260 -11.66 -3.65 -1.11
N ALA A 261 -10.44 -3.32 -0.68
CA ALA A 261 -9.50 -4.36 -0.23
C ALA A 261 -9.97 -4.93 1.10
N LYS A 262 -9.85 -6.24 1.27
CA LYS A 262 -10.32 -6.90 2.48
C LYS A 262 -9.29 -7.02 3.60
N GLY A 263 -8.02 -6.83 3.27
CA GLY A 263 -6.97 -6.94 4.28
C GLY A 263 -6.69 -8.39 4.65
N GLY A 264 -6.90 -9.29 3.68
CA GLY A 264 -6.67 -10.70 3.92
C GLY A 264 -5.28 -11.13 4.34
N VAL A 265 -4.26 -10.33 4.04
CA VAL A 265 -2.89 -10.72 4.41
C VAL A 265 -2.75 -10.82 5.93
N LEU A 266 -3.71 -10.28 6.66
CA LEU A 266 -3.69 -10.35 8.11
C LEU A 266 -3.77 -11.80 8.60
N ILE A 267 -4.44 -12.64 7.83
CA ILE A 267 -4.57 -14.03 8.21
C ILE A 267 -3.21 -14.71 8.36
N PRO A 268 -2.38 -14.69 7.30
CA PRO A 268 -1.07 -15.32 7.42
C PRO A 268 -0.23 -14.64 8.50
N ILE A 269 -0.40 -13.33 8.64
CA ILE A 269 0.34 -12.58 9.63
C ILE A 269 0.04 -13.01 11.06
N VAL A 270 -1.25 -13.01 11.41
CA VAL A 270 -1.64 -13.40 12.76
C VAL A 270 -1.34 -14.87 13.01
N ARG A 271 -1.44 -15.68 11.97
CA ARG A 271 -1.17 -17.10 12.13
C ARG A 271 0.32 -17.39 12.34
N THR A 272 1.18 -16.65 11.66
CA THR A 272 2.62 -16.86 11.77
C THR A 272 3.29 -16.07 12.89
N LEU A 273 2.85 -14.85 13.14
CA LEU A 273 3.48 -14.01 14.16
C LEU A 273 2.70 -13.88 15.47
N LYS A 274 1.43 -14.24 15.45
CA LYS A 274 0.59 -14.17 16.65
C LYS A 274 0.52 -12.77 17.26
N VAL A 275 0.51 -11.75 16.40
CA VAL A 275 0.41 -10.37 16.85
C VAL A 275 -1.07 -10.01 16.70
N PRO A 276 -1.69 -9.48 17.76
CA PRO A 276 -3.11 -9.11 17.73
C PRO A 276 -3.45 -7.87 16.90
N ILE A 277 -4.63 -7.87 16.30
CA ILE A 277 -5.11 -6.74 15.53
C ILE A 277 -5.84 -5.85 16.53
N LYS A 278 -5.39 -4.61 16.68
CA LYS A 278 -5.98 -3.69 17.64
C LYS A 278 -7.16 -2.87 17.14
N PHE A 279 -7.00 -2.24 15.99
CA PHE A 279 -8.03 -1.38 15.41
C PHE A 279 -8.07 -1.49 13.88
N VAL A 280 -9.12 -0.94 13.29
CA VAL A 280 -9.24 -0.88 11.84
C VAL A 280 -9.50 0.58 11.47
N GLY A 281 -8.85 1.03 10.41
CA GLY A 281 -9.04 2.41 9.96
C GLY A 281 -10.07 2.38 8.84
N VAL A 282 -11.06 3.26 8.91
CA VAL A 282 -12.11 3.27 7.91
C VAL A 282 -12.46 4.66 7.38
N GLY A 283 -11.46 5.50 7.20
CA GLY A 283 -11.72 6.84 6.71
C GLY A 283 -10.58 7.78 6.98
N GLU A 284 -10.75 9.05 6.63
CA GLU A 284 -9.71 10.03 6.84
C GLU A 284 -10.08 11.07 7.89
N GLY A 285 -11.17 10.80 8.61
CA GLY A 285 -11.62 11.70 9.65
C GLY A 285 -11.13 11.23 11.01
N PRO A 286 -11.08 12.11 12.01
CA PRO A 286 -10.63 11.79 13.38
C PRO A 286 -11.38 10.64 14.05
N ASP A 287 -12.64 10.44 13.65
CA ASP A 287 -13.47 9.39 14.25
C ASP A 287 -13.50 8.08 13.45
N ASP A 288 -12.83 8.05 12.31
CA ASP A 288 -12.84 6.87 11.45
C ASP A 288 -11.92 5.74 11.91
N LEU A 289 -12.09 5.34 13.16
CA LEU A 289 -11.31 4.26 13.75
C LEU A 289 -12.25 3.39 14.56
N GLN A 290 -12.11 2.08 14.48
CA GLN A 290 -12.97 1.18 15.23
C GLN A 290 -12.17 0.03 15.82
N PRO A 291 -12.55 -0.41 17.04
CA PRO A 291 -11.81 -1.52 17.65
C PRO A 291 -12.00 -2.70 16.70
N PHE A 292 -11.00 -3.56 16.61
CA PHE A 292 -11.09 -4.72 15.71
C PHE A 292 -12.19 -5.68 16.17
N ASP A 293 -13.04 -6.06 15.22
CA ASP A 293 -14.13 -7.00 15.48
C ASP A 293 -13.95 -8.18 14.53
N PRO A 294 -13.43 -9.31 15.03
CA PRO A 294 -13.20 -10.51 14.22
C PRO A 294 -14.40 -10.92 13.37
N GLU A 295 -15.57 -11.02 14.00
CA GLU A 295 -16.79 -11.41 13.29
C GLU A 295 -17.07 -10.55 12.07
N ALA A 296 -17.23 -9.25 12.30
CA ALA A 296 -17.50 -8.31 11.23
C ALA A 296 -16.44 -8.36 10.13
N PHE A 297 -15.16 -8.41 10.54
CA PHE A 297 -14.07 -8.44 9.57
C PHE A 297 -14.15 -9.65 8.65
N VAL A 298 -14.40 -10.82 9.23
CA VAL A 298 -14.50 -12.06 8.46
C VAL A 298 -15.73 -12.06 7.56
N GLU A 299 -16.82 -11.47 8.04
CA GLU A 299 -18.04 -11.41 7.22
C GLU A 299 -17.78 -10.58 5.98
N ALA A 300 -17.06 -9.46 6.16
CA ALA A 300 -16.74 -8.58 5.05
C ALA A 300 -15.76 -9.24 4.09
N LEU A 301 -14.75 -9.91 4.63
CA LEU A 301 -13.74 -10.57 3.81
C LEU A 301 -14.34 -11.58 2.84
N LEU A 302 -15.33 -12.34 3.32
CA LEU A 302 -15.99 -13.34 2.47
C LEU A 302 -17.14 -12.70 1.71
N GLU A 303 -17.12 -11.36 1.65
CA GLU A 303 -18.16 -10.56 0.99
C GLU A 303 -19.44 -10.56 1.79
N GLY B 14 9.87 -35.34 -16.92
CA GLY B 14 9.86 -33.86 -17.05
C GLY B 14 11.29 -33.32 -17.15
N ARG B 15 12.24 -34.20 -17.42
CA ARG B 15 13.64 -33.81 -17.52
C ARG B 15 14.38 -34.58 -18.62
N LEU B 16 13.95 -34.40 -19.87
CA LEU B 16 14.58 -35.08 -21.00
C LEU B 16 14.84 -34.10 -22.13
N ARG B 17 15.81 -34.41 -22.98
CA ARG B 17 16.18 -33.53 -24.10
C ARG B 17 15.35 -33.78 -25.36
N GLY B 18 15.12 -32.70 -26.10
CA GLY B 18 14.34 -32.74 -27.33
C GLY B 18 13.86 -34.06 -27.90
N ARG B 19 12.90 -34.68 -27.21
CA ARG B 19 12.37 -35.96 -27.67
C ARG B 19 10.85 -35.93 -27.77
N GLY B 20 10.32 -34.82 -28.28
CA GLY B 20 8.88 -34.69 -28.42
C GLY B 20 8.38 -33.26 -28.31
N ARG B 21 7.14 -33.05 -28.74
CA ARG B 21 6.53 -31.73 -28.70
C ARG B 21 5.82 -31.54 -27.35
N ILE B 22 5.67 -30.28 -26.95
CA ILE B 22 5.00 -29.97 -25.70
C ILE B 22 3.61 -30.62 -25.65
N THR B 23 3.38 -31.41 -24.62
CA THR B 23 2.11 -32.09 -24.43
C THR B 23 1.22 -31.34 -23.45
N GLU B 24 -0.06 -31.66 -23.46
CA GLU B 24 -1.01 -31.02 -22.54
C GLU B 24 -0.71 -31.47 -21.12
N GLU B 25 0.06 -32.56 -21.01
CA GLU B 25 0.43 -33.12 -19.72
C GLU B 25 1.65 -32.40 -19.14
N ASP B 26 2.37 -31.68 -19.99
CA ASP B 26 3.53 -30.93 -19.53
C ASP B 26 3.03 -29.53 -19.19
N LEU B 27 2.01 -29.09 -19.92
CA LEU B 27 1.38 -27.79 -19.70
C LEU B 27 0.22 -27.97 -18.75
N LYS B 28 0.50 -28.55 -17.59
CA LYS B 28 -0.50 -28.77 -16.56
C LYS B 28 0.28 -28.83 -15.26
N ALA B 29 1.46 -29.43 -15.33
CA ALA B 29 2.32 -29.56 -14.18
C ALA B 29 3.13 -28.28 -14.04
N THR B 30 3.65 -27.80 -15.16
CA THR B 30 4.47 -26.58 -15.18
C THR B 30 3.67 -25.30 -14.97
N LEU B 31 2.56 -25.16 -15.69
CA LEU B 31 1.73 -23.97 -15.56
C LEU B 31 1.05 -23.84 -14.21
N ARG B 32 0.95 -24.95 -13.48
CA ARG B 32 0.33 -24.91 -12.16
C ARG B 32 1.31 -24.21 -11.22
N GLU B 33 2.60 -24.43 -11.45
CA GLU B 33 3.64 -23.80 -10.66
C GLU B 33 3.76 -22.34 -11.05
N ILE B 34 3.54 -22.06 -12.33
CA ILE B 34 3.61 -20.70 -12.84
C ILE B 34 2.45 -19.89 -12.28
N ARG B 35 1.27 -20.51 -12.22
CA ARG B 35 0.10 -19.84 -11.69
C ARG B 35 0.36 -19.43 -10.25
N ARG B 36 1.02 -20.33 -9.50
CA ARG B 36 1.34 -20.07 -8.09
C ARG B 36 2.36 -18.97 -7.93
N ALA B 37 3.36 -18.95 -8.80
CA ALA B 37 4.39 -17.92 -8.72
C ALA B 37 3.75 -16.56 -8.98
N LEU B 38 2.87 -16.49 -9.97
CA LEU B 38 2.20 -15.24 -10.32
C LEU B 38 1.32 -14.76 -9.17
N MET B 39 0.61 -15.70 -8.54
CA MET B 39 -0.24 -15.37 -7.40
C MET B 39 0.61 -14.85 -6.24
N ASP B 40 1.72 -15.54 -5.94
CA ASP B 40 2.59 -15.10 -4.86
C ASP B 40 3.15 -13.71 -5.16
N ALA B 41 3.22 -13.38 -6.45
CA ALA B 41 3.73 -12.09 -6.89
C ALA B 41 2.65 -11.02 -6.87
N ASP B 42 1.44 -11.42 -6.48
CA ASP B 42 0.30 -10.51 -6.37
C ASP B 42 -0.35 -10.13 -7.69
N VAL B 43 -0.13 -10.93 -8.73
CA VAL B 43 -0.80 -10.66 -10.01
C VAL B 43 -2.23 -11.07 -9.70
N ASN B 44 -3.20 -10.30 -10.17
CA ASN B 44 -4.60 -10.60 -9.92
C ASN B 44 -5.01 -11.99 -10.45
N LEU B 45 -5.82 -12.69 -9.66
CA LEU B 45 -6.27 -14.05 -9.99
C LEU B 45 -6.79 -14.20 -11.43
N GLU B 46 -7.74 -13.37 -11.81
CA GLU B 46 -8.30 -13.45 -13.16
C GLU B 46 -7.24 -13.16 -14.21
N VAL B 47 -6.30 -12.27 -13.90
CA VAL B 47 -5.26 -11.96 -14.85
C VAL B 47 -4.32 -13.15 -14.98
N THR B 48 -4.09 -13.84 -13.87
CA THR B 48 -3.23 -15.00 -13.86
C THR B 48 -3.81 -16.14 -14.72
N ARG B 49 -5.09 -16.42 -14.58
CA ARG B 49 -5.68 -17.50 -15.37
C ARG B 49 -5.59 -17.18 -16.87
N ASP B 50 -5.84 -15.94 -17.24
CA ASP B 50 -5.77 -15.54 -18.64
C ASP B 50 -4.36 -15.73 -19.18
N PHE B 51 -3.38 -15.29 -18.40
CA PHE B 51 -1.98 -15.40 -18.78
C PHE B 51 -1.54 -16.84 -18.96
N VAL B 52 -1.97 -17.70 -18.03
CA VAL B 52 -1.61 -19.12 -18.09
C VAL B 52 -2.25 -19.75 -19.33
N GLU B 53 -3.52 -19.42 -19.56
CA GLU B 53 -4.23 -19.97 -20.70
C GLU B 53 -3.69 -19.39 -22.00
N ARG B 54 -3.05 -18.23 -21.92
CA ARG B 54 -2.48 -17.60 -23.10
C ARG B 54 -1.22 -18.40 -23.45
N VAL B 55 -0.42 -18.71 -22.43
CA VAL B 55 0.80 -19.48 -22.63
C VAL B 55 0.45 -20.89 -23.12
N ARG B 56 -0.60 -21.46 -22.55
CA ARG B 56 -1.02 -22.80 -22.94
C ARG B 56 -1.26 -22.84 -24.45
N GLU B 57 -1.91 -21.80 -24.97
CA GLU B 57 -2.20 -21.73 -26.40
C GLU B 57 -0.93 -21.57 -27.22
N GLU B 58 -0.08 -20.65 -26.80
CA GLU B 58 1.17 -20.38 -27.52
C GLU B 58 2.13 -21.56 -27.52
N ALA B 59 2.21 -22.28 -26.39
CA ALA B 59 3.11 -23.41 -26.30
C ALA B 59 2.49 -24.74 -26.74
N LEU B 60 1.18 -24.87 -26.52
CA LEU B 60 0.43 -26.08 -26.86
C LEU B 60 1.30 -27.20 -27.41
N GLY B 61 1.46 -27.24 -28.72
CA GLY B 61 2.25 -28.30 -29.33
C GLY B 61 3.47 -27.80 -30.09
N LYS B 62 4.38 -27.12 -29.40
CA LYS B 62 5.59 -26.61 -30.02
C LYS B 62 6.73 -27.62 -29.86
N GLN B 63 7.66 -27.62 -30.81
CA GLN B 63 8.80 -28.53 -30.76
C GLN B 63 9.81 -28.17 -29.70
N VAL B 64 10.38 -29.20 -29.10
CA VAL B 64 11.41 -29.03 -28.08
C VAL B 64 12.69 -29.46 -28.78
N LEU B 65 13.22 -28.59 -29.64
CA LEU B 65 14.45 -28.81 -30.41
C LEU B 65 15.36 -29.96 -29.97
N GLU B 66 16.65 -29.67 -29.98
CA GLU B 66 17.68 -30.59 -29.53
C GLU B 66 18.31 -29.66 -28.52
N SER B 67 18.40 -30.13 -27.30
CA SER B 67 18.88 -29.35 -26.15
C SER B 67 17.51 -28.88 -25.67
N LEU B 68 17.45 -28.19 -24.55
CA LEU B 68 16.15 -27.71 -24.06
C LEU B 68 15.20 -28.85 -23.71
N THR B 69 14.61 -28.74 -22.52
CA THR B 69 13.65 -29.73 -22.06
C THR B 69 12.29 -29.05 -22.23
N PRO B 70 11.20 -29.83 -22.15
CA PRO B 70 9.89 -29.19 -22.32
C PRO B 70 9.70 -28.04 -21.34
N ALA B 71 10.26 -28.20 -20.14
CA ALA B 71 10.16 -27.18 -19.10
C ALA B 71 10.78 -25.88 -19.57
N GLU B 72 12.03 -25.96 -20.04
CA GLU B 72 12.75 -24.78 -20.52
C GLU B 72 11.99 -24.00 -21.60
N VAL B 73 11.37 -24.71 -22.53
CA VAL B 73 10.62 -24.06 -23.59
C VAL B 73 9.41 -23.32 -23.02
N ILE B 74 8.74 -23.93 -22.05
CA ILE B 74 7.56 -23.34 -21.43
C ILE B 74 7.95 -22.13 -20.57
N LEU B 75 9.07 -22.25 -19.88
CA LEU B 75 9.55 -21.16 -19.04
C LEU B 75 9.95 -19.97 -19.91
N ALA B 76 10.52 -20.27 -21.08
CA ALA B 76 10.93 -19.23 -22.02
C ALA B 76 9.71 -18.53 -22.57
N THR B 77 8.67 -19.32 -22.87
CA THR B 77 7.42 -18.78 -23.39
C THR B 77 6.79 -17.87 -22.34
N VAL B 78 6.83 -18.30 -21.09
CA VAL B 78 6.26 -17.53 -19.99
C VAL B 78 6.95 -16.18 -19.84
N TYR B 79 8.27 -16.20 -19.79
CA TYR B 79 9.03 -14.98 -19.65
C TYR B 79 8.79 -14.01 -20.81
N GLU B 80 8.79 -14.53 -22.03
CA GLU B 80 8.56 -13.70 -23.20
C GLU B 80 7.14 -13.11 -23.19
N ALA B 81 6.17 -13.91 -22.79
CA ALA B 81 4.79 -13.44 -22.73
C ALA B 81 4.67 -12.35 -21.68
N LEU B 82 5.34 -12.55 -20.55
CA LEU B 82 5.31 -11.59 -19.46
C LEU B 82 5.96 -10.27 -19.85
N LYS B 83 7.12 -10.35 -20.51
CA LYS B 83 7.82 -9.15 -20.95
C LYS B 83 6.92 -8.35 -21.89
N GLU B 84 6.28 -9.04 -22.83
CA GLU B 84 5.39 -8.40 -23.80
C GLU B 84 4.18 -7.77 -23.12
N ALA B 85 3.55 -8.50 -22.21
CA ALA B 85 2.37 -7.99 -21.52
C ALA B 85 2.69 -6.76 -20.67
N LEU B 86 3.93 -6.64 -20.23
CA LEU B 86 4.33 -5.49 -19.41
C LEU B 86 4.76 -4.28 -20.25
N GLY B 87 4.94 -4.49 -21.56
CA GLY B 87 5.31 -3.37 -22.41
C GLY B 87 6.40 -3.65 -23.42
N GLY B 88 7.14 -4.74 -23.21
CA GLY B 88 8.21 -5.10 -24.13
C GLY B 88 9.49 -4.32 -23.90
N GLU B 89 9.49 -3.05 -24.30
CA GLU B 89 10.64 -2.19 -24.14
C GLU B 89 10.22 -0.93 -23.39
N ALA B 90 11.19 -0.19 -22.85
CA ALA B 90 10.87 1.03 -22.13
C ALA B 90 10.19 2.00 -23.08
N ARG B 91 9.32 2.84 -22.52
CA ARG B 91 8.62 3.83 -23.32
C ARG B 91 8.33 5.04 -22.45
N LEU B 92 8.79 6.21 -22.88
CA LEU B 92 8.56 7.43 -22.12
C LEU B 92 7.56 8.33 -22.82
N PRO B 93 6.93 9.23 -22.05
CA PRO B 93 5.94 10.16 -22.62
C PRO B 93 6.52 11.02 -23.75
N VAL B 94 5.68 11.39 -24.69
CA VAL B 94 6.09 12.25 -25.79
C VAL B 94 5.56 13.63 -25.46
N LEU B 95 6.45 14.57 -25.20
CA LEU B 95 6.04 15.92 -24.84
C LEU B 95 5.90 16.83 -26.05
N LYS B 96 5.02 17.81 -25.94
CA LYS B 96 4.78 18.78 -27.00
C LYS B 96 5.09 20.18 -26.46
N ASP B 97 4.71 21.21 -27.20
CA ASP B 97 4.96 22.59 -26.77
C ASP B 97 4.44 22.88 -25.37
N ARG B 98 3.20 22.48 -25.11
CA ARG B 98 2.59 22.67 -23.80
C ARG B 98 2.08 21.32 -23.28
N ASN B 99 2.35 21.04 -22.00
CA ASN B 99 1.94 19.77 -21.42
C ASN B 99 1.35 19.98 -20.02
N LEU B 100 0.21 19.33 -19.75
CA LEU B 100 -0.40 19.41 -18.43
C LEU B 100 -0.75 17.98 -18.07
N TRP B 101 -0.15 17.48 -16.99
CA TRP B 101 -0.40 16.12 -16.54
C TRP B 101 -0.99 16.05 -15.14
N PHE B 102 -1.76 15.01 -14.87
CA PHE B 102 -2.34 14.77 -13.56
C PHE B 102 -1.67 13.54 -12.94
N LEU B 103 -1.49 13.56 -11.62
CA LEU B 103 -0.95 12.40 -10.91
C LEU B 103 -2.15 11.98 -10.06
N VAL B 104 -2.63 10.74 -10.24
CA VAL B 104 -3.80 10.27 -9.52
C VAL B 104 -3.60 8.90 -8.93
N GLY B 105 -4.46 8.54 -7.97
CA GLY B 105 -4.33 7.22 -7.37
C GLY B 105 -4.82 7.15 -5.94
N LEU B 106 -4.71 5.95 -5.37
CA LEU B 106 -5.14 5.69 -4.00
C LEU B 106 -4.33 6.49 -2.99
N GLN B 107 -4.90 6.63 -1.80
CA GLN B 107 -4.23 7.35 -0.74
C GLN B 107 -2.90 6.65 -0.40
N GLY B 108 -1.83 7.43 -0.40
CA GLY B 108 -0.51 6.88 -0.05
C GLY B 108 0.31 6.19 -1.12
N SER B 109 -0.15 6.18 -2.37
CA SER B 109 0.58 5.51 -3.44
C SER B 109 1.92 6.17 -3.82
N GLY B 110 2.07 7.45 -3.54
CA GLY B 110 3.31 8.14 -3.86
C GLY B 110 3.20 9.28 -4.86
N LYS B 111 1.99 9.81 -5.03
CA LYS B 111 1.73 10.89 -5.98
C LYS B 111 2.53 12.18 -5.80
N THR B 112 2.47 12.76 -4.61
CA THR B 112 3.18 14.01 -4.35
C THR B 112 4.68 13.88 -4.60
N THR B 113 5.28 12.80 -4.12
CA THR B 113 6.71 12.60 -4.32
C THR B 113 7.01 12.41 -5.81
N THR B 114 6.18 11.64 -6.49
CA THR B 114 6.37 11.39 -7.91
C THR B 114 6.27 12.70 -8.72
N ALA B 115 5.38 13.61 -8.31
CA ALA B 115 5.24 14.87 -9.02
C ALA B 115 6.58 15.64 -8.96
N ALA B 116 7.18 15.67 -7.78
CA ALA B 116 8.47 16.34 -7.58
C ALA B 116 9.56 15.63 -8.38
N LYS B 117 9.52 14.30 -8.41
CA LYS B 117 10.51 13.54 -9.17
C LYS B 117 10.39 13.87 -10.65
N LEU B 118 9.16 13.92 -11.16
CA LEU B 118 8.95 14.23 -12.56
C LEU B 118 9.46 15.64 -12.87
N ALA B 119 9.19 16.58 -11.97
CA ALA B 119 9.63 17.96 -12.15
C ALA B 119 11.15 18.03 -12.27
N LEU B 120 11.86 17.32 -11.39
CA LEU B 120 13.32 17.32 -11.43
C LEU B 120 13.83 16.64 -12.70
N TYR B 121 13.24 15.49 -13.02
CA TYR B 121 13.64 14.73 -14.20
C TYR B 121 13.54 15.57 -15.48
N TYR B 122 12.40 16.24 -15.66
CA TYR B 122 12.23 17.05 -16.86
C TYR B 122 12.96 18.39 -16.86
N LYS B 123 13.14 18.97 -15.67
CA LYS B 123 13.87 20.24 -15.59
C LYS B 123 15.28 19.95 -16.12
N GLY B 124 15.80 18.77 -15.79
CA GLY B 124 17.12 18.37 -16.22
C GLY B 124 17.18 18.14 -17.72
N LYS B 125 16.02 18.04 -18.35
CA LYS B 125 15.94 17.83 -19.79
C LYS B 125 15.61 19.13 -20.52
N GLY B 126 15.71 20.25 -19.81
CA GLY B 126 15.45 21.54 -20.42
C GLY B 126 14.02 22.06 -20.34
N ARG B 127 13.14 21.31 -19.69
CA ARG B 127 11.75 21.76 -19.57
C ARG B 127 11.64 22.73 -18.40
N ARG B 128 10.55 23.47 -18.36
CA ARG B 128 10.32 24.44 -17.29
C ARG B 128 9.00 24.03 -16.64
N PRO B 129 9.07 23.15 -15.62
CA PRO B 129 7.89 22.68 -14.91
C PRO B 129 7.26 23.59 -13.88
N LEU B 130 5.98 23.31 -13.63
CA LEU B 130 5.18 24.02 -12.64
C LEU B 130 4.45 22.92 -11.87
N LEU B 131 4.67 22.87 -10.56
CA LEU B 131 4.00 21.89 -9.72
C LEU B 131 2.73 22.53 -9.20
N VAL B 132 1.63 21.78 -9.20
CA VAL B 132 0.36 22.30 -8.71
C VAL B 132 -0.13 21.42 -7.58
N ALA B 133 -0.12 21.97 -6.37
CA ALA B 133 -0.58 21.26 -5.19
C ALA B 133 -2.09 21.41 -5.12
N ALA B 134 -2.81 20.42 -5.64
CA ALA B 134 -4.27 20.48 -5.67
C ALA B 134 -4.97 19.74 -4.53
N ASP B 135 -4.20 19.10 -3.67
CA ASP B 135 -4.75 18.38 -2.52
C ASP B 135 -5.00 19.36 -1.37
N THR B 136 -6.26 19.69 -1.12
CA THR B 136 -6.60 20.62 -0.05
C THR B 136 -7.28 19.95 1.14
N GLN B 137 -7.33 18.62 1.15
CA GLN B 137 -7.98 17.90 2.24
C GLN B 137 -6.99 17.30 3.25
N ARG B 138 -5.83 16.87 2.78
CA ARG B 138 -4.84 16.28 3.67
C ARG B 138 -4.02 17.36 4.37
N PRO B 139 -3.97 17.32 5.70
CA PRO B 139 -3.19 18.32 6.45
C PRO B 139 -1.75 18.45 5.96
N ALA B 140 -1.31 19.68 5.77
CA ALA B 140 0.05 19.98 5.34
C ALA B 140 0.46 19.45 3.96
N ALA B 141 -0.53 19.04 3.16
CA ALA B 141 -0.27 18.51 1.82
C ALA B 141 0.35 19.57 0.90
N ARG B 142 -0.13 20.80 1.02
CA ARG B 142 0.41 21.87 0.18
C ARG B 142 1.82 22.24 0.60
N GLU B 143 2.05 22.25 1.91
CA GLU B 143 3.37 22.56 2.43
C GLU B 143 4.33 21.48 1.94
N GLN B 144 3.86 20.24 1.95
CA GLN B 144 4.69 19.13 1.51
C GLN B 144 5.24 19.34 0.09
N LEU B 145 4.35 19.62 -0.86
CA LEU B 145 4.80 19.83 -2.23
C LEU B 145 5.58 21.12 -2.37
N ARG B 146 5.24 22.11 -1.54
CA ARG B 146 5.94 23.39 -1.56
C ARG B 146 7.41 23.14 -1.21
N LEU B 147 7.63 22.33 -0.17
CA LEU B 147 8.99 22.02 0.26
C LEU B 147 9.76 21.23 -0.79
N LEU B 148 9.09 20.26 -1.41
CA LEU B 148 9.75 19.46 -2.44
C LEU B 148 10.10 20.36 -3.62
N GLY B 149 9.19 21.27 -3.95
CA GLY B 149 9.44 22.20 -5.03
C GLY B 149 10.72 22.98 -4.78
N GLU B 150 10.89 23.46 -3.55
CA GLU B 150 12.08 24.22 -3.17
C GLU B 150 13.32 23.35 -3.34
N LYS B 151 13.23 22.10 -2.92
CA LYS B 151 14.35 21.16 -3.03
C LYS B 151 14.76 20.92 -4.48
N VAL B 152 13.79 20.76 -5.38
CA VAL B 152 14.11 20.50 -6.78
C VAL B 152 14.24 21.76 -7.63
N GLY B 153 14.01 22.93 -7.01
CA GLY B 153 14.11 24.18 -7.76
C GLY B 153 13.05 24.39 -8.82
N VAL B 154 11.80 24.09 -8.46
CA VAL B 154 10.67 24.22 -9.36
C VAL B 154 9.51 24.95 -8.66
N PRO B 155 8.87 25.91 -9.35
CA PRO B 155 7.75 26.70 -8.84
C PRO B 155 6.59 25.81 -8.41
N VAL B 156 5.87 26.23 -7.37
CA VAL B 156 4.73 25.48 -6.88
C VAL B 156 3.52 26.39 -6.67
N LEU B 157 2.40 26.03 -7.28
CA LEU B 157 1.17 26.81 -7.13
C LEU B 157 0.29 26.00 -6.17
N GLU B 158 -0.14 26.63 -5.09
CA GLU B 158 -0.96 25.93 -4.11
C GLU B 158 -2.42 26.34 -4.21
N VAL B 159 -3.28 25.36 -4.45
CA VAL B 159 -4.72 25.60 -4.56
C VAL B 159 -5.27 26.02 -3.20
N MET B 160 -6.24 26.93 -3.21
CA MET B 160 -6.84 27.41 -1.98
C MET B 160 -8.08 26.61 -1.58
N ASP B 161 -8.40 26.62 -0.29
CA ASP B 161 -9.56 25.89 0.23
C ASP B 161 -10.85 26.31 -0.47
N GLY B 162 -11.56 25.33 -1.03
CA GLY B 162 -12.81 25.61 -1.71
C GLY B 162 -12.71 26.19 -3.11
N GLU B 163 -11.49 26.40 -3.61
CA GLU B 163 -11.31 26.98 -4.95
C GLU B 163 -11.92 26.08 -6.02
N SER B 164 -12.66 26.68 -6.94
CA SER B 164 -13.31 25.93 -8.02
C SER B 164 -12.29 25.53 -9.09
N PRO B 165 -12.66 24.56 -9.95
CA PRO B 165 -11.77 24.09 -11.02
C PRO B 165 -11.46 25.24 -11.98
N GLU B 166 -12.49 26.04 -12.27
CA GLU B 166 -12.35 27.19 -13.15
C GLU B 166 -11.34 28.19 -12.59
N SER B 167 -11.36 28.40 -11.28
CA SER B 167 -10.43 29.34 -10.66
C SER B 167 -9.02 28.78 -10.75
N ILE B 168 -8.88 27.48 -10.49
CA ILE B 168 -7.59 26.81 -10.57
C ILE B 168 -7.02 26.98 -11.98
N ARG B 169 -7.86 26.73 -12.98
CA ARG B 169 -7.45 26.88 -14.37
C ARG B 169 -6.94 28.30 -14.61
N ARG B 170 -7.69 29.27 -14.11
CA ARG B 170 -7.34 30.69 -14.27
C ARG B 170 -5.95 30.99 -13.72
N ARG B 171 -5.70 30.63 -12.47
CA ARG B 171 -4.41 30.90 -11.87
C ARG B 171 -3.27 30.09 -12.47
N VAL B 172 -3.54 28.84 -12.84
CA VAL B 172 -2.50 28.02 -13.47
C VAL B 172 -2.12 28.64 -14.81
N GLU B 173 -3.11 29.09 -15.58
CA GLU B 173 -2.85 29.71 -16.87
C GLU B 173 -2.00 30.97 -16.72
N GLU B 174 -2.37 31.81 -15.76
CA GLU B 174 -1.64 33.05 -15.51
C GLU B 174 -0.19 32.80 -15.11
N LYS B 175 0.02 31.86 -14.18
CA LYS B 175 1.36 31.56 -13.71
C LYS B 175 2.22 30.93 -14.79
N ALA B 176 1.65 30.01 -15.57
CA ALA B 176 2.39 29.35 -16.63
C ALA B 176 2.82 30.38 -17.68
N ARG B 177 1.97 31.35 -17.96
CA ARG B 177 2.30 32.37 -18.94
C ARG B 177 3.38 33.33 -18.43
N LEU B 178 3.19 33.87 -17.23
CA LEU B 178 4.16 34.81 -16.66
C LEU B 178 5.53 34.20 -16.38
N GLU B 179 5.56 32.89 -16.11
CA GLU B 179 6.82 32.22 -15.80
C GLU B 179 7.30 31.26 -16.89
N ALA B 180 6.68 31.34 -18.06
CA ALA B 180 7.06 30.50 -19.19
C ALA B 180 7.15 29.01 -18.85
N ARG B 181 6.17 28.49 -18.13
CA ARG B 181 6.15 27.07 -17.77
C ARG B 181 5.62 26.27 -18.96
N ASP B 182 6.22 25.10 -19.23
CA ASP B 182 5.78 24.27 -20.35
C ASP B 182 5.45 22.82 -19.96
N LEU B 183 5.45 22.53 -18.67
CA LEU B 183 5.11 21.19 -18.18
C LEU B 183 4.44 21.39 -16.81
N ILE B 184 3.12 21.32 -16.79
CA ILE B 184 2.37 21.51 -15.56
C ILE B 184 2.02 20.15 -14.96
N LEU B 185 2.45 19.92 -13.72
CA LEU B 185 2.20 18.66 -13.04
C LEU B 185 1.20 18.87 -11.90
N VAL B 186 0.00 18.35 -12.07
CA VAL B 186 -1.05 18.50 -11.07
C VAL B 186 -1.13 17.29 -10.13
N ASP B 187 -0.72 17.54 -8.89
CA ASP B 187 -0.72 16.54 -7.83
C ASP B 187 -2.10 16.54 -7.16
N THR B 188 -2.86 15.47 -7.34
CA THR B 188 -4.19 15.39 -6.74
C THR B 188 -4.18 14.58 -5.45
N ALA B 189 -5.19 14.80 -4.62
CA ALA B 189 -5.29 14.09 -3.36
C ALA B 189 -5.57 12.61 -3.60
N GLY B 190 -5.17 11.76 -2.66
CA GLY B 190 -5.44 10.34 -2.79
C GLY B 190 -6.92 10.13 -2.58
N ARG B 191 -7.50 9.16 -3.29
CA ARG B 191 -8.92 8.89 -3.12
C ARG B 191 -9.20 7.43 -3.45
N LEU B 192 -10.23 6.88 -2.82
CA LEU B 192 -10.62 5.50 -3.08
C LEU B 192 -11.28 5.50 -4.45
N GLN B 193 -11.07 4.43 -5.22
CA GLN B 193 -11.65 4.37 -6.56
C GLN B 193 -13.17 4.23 -6.55
N ILE B 194 -13.74 4.04 -5.36
CA ILE B 194 -15.20 3.90 -5.21
C ILE B 194 -15.84 5.10 -4.50
N ASP B 195 -15.04 6.14 -4.24
CA ASP B 195 -15.55 7.35 -3.59
C ASP B 195 -16.19 8.21 -4.68
N GLU B 196 -17.51 8.08 -4.83
CA GLU B 196 -18.24 8.81 -5.87
C GLU B 196 -18.03 10.32 -5.90
N PRO B 197 -18.18 11.00 -4.74
CA PRO B 197 -17.98 12.45 -4.75
C PRO B 197 -16.59 12.87 -5.23
N LEU B 198 -15.54 12.24 -4.68
CA LEU B 198 -14.17 12.57 -5.03
C LEU B 198 -13.76 12.12 -6.44
N MET B 199 -14.29 10.99 -6.89
CA MET B 199 -13.97 10.53 -8.23
C MET B 199 -14.67 11.48 -9.22
N GLY B 200 -15.83 11.99 -8.81
CA GLY B 200 -16.56 12.92 -9.65
C GLY B 200 -15.82 14.25 -9.69
N GLU B 201 -15.19 14.62 -8.59
CA GLU B 201 -14.44 15.87 -8.54
C GLU B 201 -13.23 15.77 -9.46
N LEU B 202 -12.61 14.60 -9.49
CA LEU B 202 -11.44 14.37 -10.33
C LEU B 202 -11.81 14.46 -11.81
N ALA B 203 -12.97 13.91 -12.15
CA ALA B 203 -13.45 13.93 -13.53
C ALA B 203 -13.74 15.36 -13.98
N ARG B 204 -14.33 16.14 -13.07
CA ARG B 204 -14.64 17.53 -13.37
C ARG B 204 -13.37 18.36 -13.52
N LEU B 205 -12.40 18.10 -12.65
CA LEU B 205 -11.13 18.83 -12.75
C LEU B 205 -10.50 18.55 -14.11
N LYS B 206 -10.61 17.29 -14.55
CA LYS B 206 -10.05 16.89 -15.83
C LYS B 206 -10.73 17.59 -17.00
N GLU B 207 -12.05 17.70 -16.97
CA GLU B 207 -12.74 18.35 -18.08
C GLU B 207 -12.41 19.84 -18.16
N VAL B 208 -12.15 20.46 -17.01
CA VAL B 208 -11.79 21.88 -16.97
C VAL B 208 -10.33 22.14 -17.35
N LEU B 209 -9.41 21.34 -16.81
CA LEU B 209 -7.99 21.54 -17.12
C LEU B 209 -7.52 20.89 -18.42
N GLY B 210 -8.13 19.76 -18.79
CA GLY B 210 -7.75 19.09 -20.02
C GLY B 210 -6.33 18.56 -20.07
N PRO B 211 -5.97 17.62 -19.17
CA PRO B 211 -4.62 17.05 -19.12
C PRO B 211 -4.26 16.26 -20.38
N ASP B 212 -2.98 16.32 -20.77
CA ASP B 212 -2.50 15.58 -21.94
C ASP B 212 -2.13 14.16 -21.49
N GLU B 213 -1.89 14.01 -20.18
CA GLU B 213 -1.54 12.72 -19.62
C GLU B 213 -2.18 12.62 -18.24
N VAL B 214 -2.70 11.45 -17.90
CA VAL B 214 -3.29 11.21 -16.59
C VAL B 214 -2.56 9.96 -16.12
N LEU B 215 -1.67 10.14 -15.15
CA LEU B 215 -0.87 9.02 -14.66
C LEU B 215 -1.37 8.43 -13.35
N LEU B 216 -1.64 7.13 -13.39
CA LEU B 216 -2.07 6.41 -12.20
C LEU B 216 -0.79 5.99 -11.48
N VAL B 217 -0.62 6.50 -10.27
CA VAL B 217 0.55 6.17 -9.46
C VAL B 217 0.17 4.95 -8.61
N LEU B 218 0.81 3.83 -8.91
CA LEU B 218 0.53 2.58 -8.24
C LEU B 218 1.69 2.06 -7.40
N ASP B 219 1.40 1.78 -6.13
CA ASP B 219 2.39 1.26 -5.20
C ASP B 219 2.72 -0.18 -5.61
N ALA B 220 4.01 -0.49 -5.67
CA ALA B 220 4.44 -1.83 -6.06
C ALA B 220 3.90 -2.93 -5.14
N MET B 221 3.58 -2.59 -3.90
CA MET B 221 3.08 -3.59 -2.96
C MET B 221 1.57 -3.83 -3.07
N THR B 222 0.90 -3.08 -3.93
CA THR B 222 -0.54 -3.23 -4.10
C THR B 222 -0.90 -4.69 -4.40
N GLY B 223 -1.97 -5.16 -3.78
CA GLY B 223 -2.41 -6.54 -3.96
C GLY B 223 -3.44 -6.81 -5.05
N GLN B 224 -4.28 -7.81 -4.80
CA GLN B 224 -5.32 -8.22 -5.75
C GLN B 224 -6.25 -7.13 -6.27
N GLU B 225 -6.50 -6.10 -5.46
CA GLU B 225 -7.38 -5.03 -5.89
C GLU B 225 -6.79 -4.07 -6.92
N ALA B 226 -5.54 -4.28 -7.30
CA ALA B 226 -4.92 -3.41 -8.30
C ALA B 226 -5.77 -3.38 -9.56
N LEU B 227 -6.32 -4.53 -9.91
CA LEU B 227 -7.16 -4.68 -11.08
C LEU B 227 -8.36 -3.73 -11.06
N SER B 228 -9.13 -3.78 -9.98
CA SER B 228 -10.31 -2.92 -9.85
C SER B 228 -9.96 -1.45 -9.73
N VAL B 229 -8.84 -1.16 -9.08
CA VAL B 229 -8.40 0.22 -8.91
C VAL B 229 -8.03 0.82 -10.26
N ALA B 230 -7.23 0.09 -11.04
CA ALA B 230 -6.83 0.58 -12.36
C ALA B 230 -8.02 0.79 -13.28
N ARG B 231 -8.92 -0.17 -13.29
CA ARG B 231 -10.10 -0.09 -14.14
C ARG B 231 -11.02 1.08 -13.78
N ALA B 232 -11.22 1.32 -12.48
CA ALA B 232 -12.08 2.40 -12.04
C ALA B 232 -11.50 3.77 -12.40
N PHE B 233 -10.21 3.95 -12.17
CA PHE B 233 -9.62 5.24 -12.51
C PHE B 233 -9.64 5.44 -14.02
N ASP B 234 -9.39 4.36 -14.76
CA ASP B 234 -9.37 4.43 -16.22
C ASP B 234 -10.75 4.76 -16.80
N GLU B 235 -11.78 4.15 -16.24
CA GLU B 235 -13.13 4.40 -16.75
C GLU B 235 -13.69 5.75 -16.34
N LYS B 236 -13.27 6.23 -15.18
CA LYS B 236 -13.76 7.50 -14.65
C LYS B 236 -13.00 8.73 -15.15
N VAL B 237 -11.68 8.64 -15.25
CA VAL B 237 -10.90 9.79 -15.70
C VAL B 237 -9.93 9.55 -16.87
N GLY B 238 -9.93 8.34 -17.41
CA GLY B 238 -9.07 8.04 -18.54
C GLY B 238 -7.56 8.09 -18.30
N VAL B 239 -7.04 6.99 -17.78
CA VAL B 239 -5.61 6.88 -17.51
C VAL B 239 -4.86 6.73 -18.83
N THR B 240 -3.72 7.41 -18.95
CA THR B 240 -2.93 7.34 -20.17
C THR B 240 -1.59 6.65 -19.90
N GLY B 241 -1.28 6.44 -18.64
CA GLY B 241 -0.02 5.80 -18.30
C GLY B 241 0.10 5.58 -16.82
N LEU B 242 1.11 4.84 -16.41
CA LEU B 242 1.31 4.55 -14.99
C LEU B 242 2.72 4.74 -14.47
N VAL B 243 2.81 4.95 -13.16
CA VAL B 243 4.08 5.07 -12.48
C VAL B 243 4.02 4.02 -11.39
N LEU B 244 5.02 3.15 -11.35
CA LEU B 244 5.07 2.10 -10.34
C LEU B 244 6.06 2.53 -9.29
N THR B 245 5.57 2.81 -8.08
CA THR B 245 6.44 3.30 -7.01
C THR B 245 6.90 2.27 -6.00
N LYS B 246 7.88 2.69 -5.20
CA LYS B 246 8.47 1.89 -4.13
C LYS B 246 9.07 0.57 -4.60
N LEU B 247 9.69 0.59 -5.76
CA LEU B 247 10.32 -0.60 -6.31
C LEU B 247 11.63 -0.90 -5.60
N ASP B 248 12.07 0.02 -4.74
CA ASP B 248 13.30 -0.21 -3.99
C ASP B 248 13.00 -1.16 -2.82
N GLY B 249 11.73 -1.54 -2.70
CA GLY B 249 11.32 -2.48 -1.67
C GLY B 249 11.47 -3.87 -2.25
N ASP B 250 10.94 -4.91 -1.59
CA ASP B 250 11.06 -6.26 -2.12
C ASP B 250 9.75 -6.86 -2.61
N ALA B 251 8.73 -6.02 -2.78
CA ALA B 251 7.45 -6.50 -3.28
C ALA B 251 7.70 -6.95 -4.72
N ARG B 252 7.09 -8.08 -5.11
CA ARG B 252 7.26 -8.63 -6.44
C ARG B 252 6.75 -7.72 -7.56
N GLY B 253 5.73 -6.92 -7.25
CA GLY B 253 5.19 -5.98 -8.23
C GLY B 253 4.18 -6.49 -9.24
N GLY B 254 3.48 -7.58 -8.90
CA GLY B 254 2.48 -8.13 -9.80
C GLY B 254 1.34 -7.19 -10.13
N ALA B 255 1.10 -6.21 -9.26
CA ALA B 255 0.03 -5.24 -9.49
C ALA B 255 0.21 -4.55 -10.84
N ALA B 256 1.47 -4.43 -11.29
CA ALA B 256 1.77 -3.80 -12.56
C ALA B 256 1.15 -4.56 -13.73
N LEU B 257 1.23 -5.88 -13.69
CA LEU B 257 0.67 -6.70 -14.75
C LEU B 257 -0.85 -6.58 -14.74
N SER B 258 -1.42 -6.53 -13.54
CA SER B 258 -2.87 -6.41 -13.40
C SER B 258 -3.35 -5.10 -14.02
N ALA B 259 -2.64 -4.01 -13.71
CA ALA B 259 -3.01 -2.68 -14.22
C ALA B 259 -2.82 -2.60 -15.73
N ARG B 260 -1.73 -3.19 -16.22
CA ARG B 260 -1.45 -3.19 -17.65
C ARG B 260 -2.49 -3.99 -18.42
N HIS B 261 -2.85 -5.15 -17.88
CA HIS B 261 -3.82 -6.03 -18.53
C HIS B 261 -5.19 -5.40 -18.74
N VAL B 262 -5.65 -4.58 -17.79
CA VAL B 262 -6.96 -3.97 -17.95
C VAL B 262 -7.00 -2.57 -18.54
N THR B 263 -5.86 -1.88 -18.59
CA THR B 263 -5.86 -0.54 -19.16
C THR B 263 -5.15 -0.50 -20.51
N GLY B 264 -4.17 -1.37 -20.68
CA GLY B 264 -3.42 -1.42 -21.92
C GLY B 264 -2.49 -0.23 -22.07
N LYS B 265 -2.35 0.53 -20.99
CA LYS B 265 -1.52 1.72 -21.00
C LYS B 265 -0.08 1.45 -20.57
N PRO B 266 0.86 2.26 -21.06
CA PRO B 266 2.27 2.10 -20.72
C PRO B 266 2.62 2.44 -19.26
N ILE B 267 3.59 1.72 -18.73
CA ILE B 267 4.08 1.98 -17.38
C ILE B 267 5.31 2.84 -17.72
N TYR B 268 5.15 4.16 -17.68
CA TYR B 268 6.26 5.06 -18.05
C TYR B 268 7.47 5.04 -17.14
N PHE B 269 7.24 5.25 -15.84
CA PHE B 269 8.33 5.33 -14.87
C PHE B 269 8.28 4.39 -13.68
N ALA B 270 9.45 4.20 -13.08
CA ALA B 270 9.61 3.38 -11.89
C ALA B 270 10.12 4.29 -10.77
N GLY B 271 9.47 4.24 -9.62
CA GLY B 271 9.89 5.04 -8.48
C GLY B 271 10.82 4.11 -7.73
N VAL B 272 12.07 4.52 -7.50
CA VAL B 272 13.02 3.63 -6.85
C VAL B 272 13.70 4.13 -5.59
N SER B 273 13.15 5.18 -4.98
CA SER B 273 13.69 5.72 -3.74
C SER B 273 12.79 6.86 -3.28
N GLU B 274 12.99 7.29 -2.05
CA GLU B 274 12.17 8.35 -1.49
C GLU B 274 12.69 9.74 -1.86
N LYS B 275 13.85 9.79 -2.51
CA LYS B 275 14.46 11.05 -2.92
C LYS B 275 13.98 11.50 -4.30
N PRO B 276 14.08 12.81 -4.59
CA PRO B 276 13.66 13.39 -5.87
C PRO B 276 14.31 12.74 -7.08
N GLU B 277 15.56 12.31 -6.93
CA GLU B 277 16.31 11.68 -8.00
C GLU B 277 15.86 10.23 -8.23
N GLY B 278 15.08 9.71 -7.30
CA GLY B 278 14.62 8.32 -7.38
C GLY B 278 13.60 7.97 -8.45
N LEU B 279 13.86 8.39 -9.68
CA LEU B 279 12.96 8.10 -10.78
C LEU B 279 13.76 7.57 -11.97
N GLU B 280 13.19 6.61 -12.67
CA GLU B 280 13.85 6.04 -13.85
C GLU B 280 12.83 5.40 -14.78
N PRO B 281 13.20 5.19 -16.05
CA PRO B 281 12.26 4.57 -16.99
C PRO B 281 11.92 3.17 -16.49
N PHE B 282 10.70 2.73 -16.76
CA PHE B 282 10.29 1.39 -16.35
C PHE B 282 10.74 0.42 -17.44
N TYR B 283 11.35 -0.68 -17.04
CA TYR B 283 11.84 -1.68 -17.98
C TYR B 283 11.04 -2.98 -17.84
N PRO B 284 10.13 -3.26 -18.79
CA PRO B 284 9.32 -4.47 -18.75
C PRO B 284 10.14 -5.72 -18.47
N GLU B 285 11.29 -5.82 -19.13
CA GLU B 285 12.19 -6.95 -18.99
C GLU B 285 12.58 -7.21 -17.55
N ARG B 286 12.90 -6.16 -16.82
CA ARG B 286 13.32 -6.31 -15.43
C ARG B 286 12.20 -6.70 -14.48
N LEU B 287 11.00 -6.14 -14.68
CA LEU B 287 9.91 -6.50 -13.78
C LEU B 287 9.48 -7.95 -14.05
N ALA B 288 9.55 -8.36 -15.31
CA ALA B 288 9.16 -9.73 -15.68
C ALA B 288 10.01 -10.70 -14.86
N GLY B 289 11.30 -10.43 -14.78
CA GLY B 289 12.18 -11.29 -14.02
C GLY B 289 11.85 -11.23 -12.55
N ARG B 290 11.57 -10.02 -12.07
CA ARG B 290 11.23 -9.80 -10.67
C ARG B 290 9.96 -10.57 -10.28
N ILE B 291 8.92 -10.46 -11.11
CA ILE B 291 7.67 -11.15 -10.83
C ILE B 291 7.88 -12.65 -10.78
N LEU B 292 8.76 -13.16 -11.63
CA LEU B 292 9.05 -14.59 -11.66
C LEU B 292 10.01 -15.03 -10.56
N GLY B 293 10.55 -14.06 -9.84
CA GLY B 293 11.47 -14.36 -8.74
C GLY B 293 12.94 -14.44 -9.10
N MET B 294 13.33 -13.82 -10.21
CA MET B 294 14.73 -13.83 -10.63
C MET B 294 15.53 -12.76 -9.90
N GLY B 295 14.87 -12.08 -8.97
CA GLY B 295 15.53 -11.03 -8.22
C GLY B 295 14.59 -10.38 -7.22
MG MG C . 3.51 10.04 8.37
PG GCP D . 4.46 8.44 5.63
O1G GCP D . 5.03 9.25 4.50
O2G GCP D . 5.06 9.13 6.87
O3G GCP D . 5.11 6.95 5.52
C3B GCP D . 2.81 8.38 5.61
PB GCP D . 1.91 7.56 6.70
O1B GCP D . 2.01 8.46 7.81
O2B GCP D . 2.09 6.06 6.81
O3A GCP D . 0.52 7.95 6.12
PA GCP D . -0.53 9.14 6.43
O1A GCP D . -1.25 9.08 7.74
O2A GCP D . 0.01 10.47 6.03
O5' GCP D . -1.41 9.05 5.14
C5' GCP D . -2.10 8.02 4.53
C4' GCP D . -2.91 8.63 3.42
O4' GCP D . -3.95 7.69 3.68
C3' GCP D . -3.54 9.98 3.77
O3' GCP D . -4.14 10.59 2.63
C2' GCP D . -4.75 9.66 4.63
O2' GCP D . -5.77 10.61 4.75
C1' GCP D . -5.13 8.31 4.11
N9 GCP D . -5.66 7.38 5.07
C8 GCP D . -5.13 6.98 6.29
N7 GCP D . -5.90 6.10 6.92
C5 GCP D . -6.98 5.92 6.05
C6 GCP D . -8.13 5.10 6.15
O6 GCP D . -8.44 4.36 7.07
N1 GCP D . -9.00 5.21 5.04
C2 GCP D . -8.74 6.02 3.93
N2 GCP D . -9.66 6.02 2.95
N3 GCP D . -7.66 6.81 3.83
C4 GCP D . -6.83 6.70 4.91
MG MG E . -0.09 13.51 -1.88
PG GCP F . -1.66 11.10 -0.37
O1G GCP F . -2.60 10.09 -1.00
O2G GCP F . -2.19 11.31 1.06
O3G GCP F . -2.03 12.49 -1.10
C3B GCP F . -0.09 10.58 -0.46
PB GCP F . 0.72 10.33 -1.86
O1B GCP F . 1.11 11.66 -2.23
O2B GCP F . 0.21 9.32 -2.85
O3A GCP F . 2.05 9.84 -1.26
PA GCP F . 3.43 10.60 -0.94
O1A GCP F . 4.17 11.17 -2.13
O2A GCP F . 3.26 11.59 0.17
O5' GCP F . 4.14 9.52 -0.05
C5' GCP F . 4.44 8.17 -0.14
C4' GCP F . 5.35 7.88 1.01
O4' GCP F . 6.20 7.08 0.19
C3' GCP F . 6.27 9.04 1.42
O3' GCP F . 6.85 8.72 2.68
C2' GCP F . 7.43 9.03 0.44
O2' GCP F . 8.65 9.57 0.84
C1' GCP F . 7.50 7.59 0.05
N9 GCP F . 7.78 7.25 -1.33
C8 GCP F . 7.19 7.72 -2.50
N7 GCP F . 7.67 7.17 -3.58
C5 GCP F . 8.66 6.29 -3.10
C6 GCP F . 9.55 5.40 -3.77
O6 GCP F . 9.65 5.19 -4.98
N1 GCP F . 10.39 4.69 -2.89
C2 GCP F . 10.38 4.83 -1.51
N2 GCP F . 11.25 4.10 -0.81
N3 GCP F . 9.55 5.67 -0.87
C4 GCP F . 8.73 6.36 -1.71
#